data_1P7V
#
_entry.id   1P7V
#
_cell.length_a   67.720
_cell.length_b   67.720
_cell.length_c   101.620
_cell.angle_alpha   90.00
_cell.angle_beta   90.00
_cell.angle_gamma   90.00
#
_symmetry.space_group_name_H-M   'P 43 21 2'
#
loop_
_entity.id
_entity.type
_entity.pdbx_description
1 polymer 'proteinase K'
2 polymer 'inhibitor peptide'
3 non-polymer 'CALCIUM ION'
4 non-polymer 'NITRATE ION'
5 water water
#
loop_
_entity_poly.entity_id
_entity_poly.type
_entity_poly.pdbx_seq_one_letter_code
_entity_poly.pdbx_strand_id
1 'polypeptide(L)'
;AAQTNAPWGLARISSTSPGTSTYYYDESAGQGSCVYVIDTGIEASHPEFEGRAQMVKTYYYSSRDGNGHGTHCAGTVGSR
TYGVAKKTQLFGVKVLDDNGSGQYSTIIAGMDFVASDKNNRNCPKGVVASLSLGGGYSSSVNSAAARLQSSGVMVAVAAG
NNNADARNYSPASEPSVCTVGASDRYDRRSSFSNYGSVLDIFGPGTDILSTWIGGSTRSISGTSMATPHVAGLAAYLMTL
GKTTAASACRYIADTANKGDLSNIPFGTVNLLAYNNYQA
;
A
2 'polypeptide(L)' PAPFAAA B
#
loop_
_chem_comp.id
_chem_comp.type
_chem_comp.name
_chem_comp.formula
CA non-polymer 'CALCIUM ION' 'Ca 2'
NO3 non-polymer 'NITRATE ION' 'N O3 -1'
#
# COMPACT_ATOMS: atom_id res chain seq x y z
N ALA A 1 -10.58 -18.98 3.20
CA ALA A 1 -10.00 -19.35 1.88
C ALA A 1 -8.49 -19.52 2.03
N ALA A 2 -7.91 -20.35 1.17
CA ALA A 2 -6.49 -20.67 1.17
C ALA A 2 -5.97 -20.59 -0.26
N GLN A 3 -4.89 -19.84 -0.44
CA GLN A 3 -4.19 -19.74 -1.70
C GLN A 3 -2.83 -20.40 -1.51
N THR A 4 -2.65 -21.57 -2.09
CA THR A 4 -1.36 -22.24 -1.96
C THR A 4 -0.29 -21.59 -2.82
N ASN A 5 0.95 -21.77 -2.41
CA ASN A 5 2.11 -21.22 -3.10
C ASN A 5 1.92 -19.75 -3.44
N ALA A 6 1.45 -19.01 -2.44
CA ALA A 6 1.26 -17.59 -2.56
C ALA A 6 2.61 -16.88 -2.46
N PRO A 7 2.70 -15.65 -2.96
CA PRO A 7 3.90 -14.84 -2.68
C PRO A 7 4.15 -14.81 -1.17
N TRP A 8 5.41 -14.81 -0.76
CA TRP A 8 5.73 -14.95 0.64
C TRP A 8 5.04 -13.86 1.47
N GLY A 9 4.91 -12.65 0.94
CA GLY A 9 4.34 -11.57 1.71
C GLY A 9 2.88 -11.78 2.03
N LEU A 10 2.13 -12.36 1.10
CA LEU A 10 0.74 -12.69 1.39
C LEU A 10 0.68 -13.76 2.47
N ALA A 11 1.48 -14.80 2.35
CA ALA A 11 1.52 -15.82 3.39
C ALA A 11 1.90 -15.18 4.73
N ARG A 12 2.82 -14.22 4.71
CA ARG A 12 3.29 -13.62 5.95
C ARG A 12 2.17 -12.85 6.65
N ILE A 13 1.37 -12.12 5.87
CA ILE A 13 0.29 -11.30 6.42
C ILE A 13 -0.79 -12.12 7.07
N SER A 14 -0.91 -13.41 6.76
CA SER A 14 -1.91 -14.24 7.41
C SER A 14 -1.30 -15.27 8.35
N SER A 15 -0.06 -15.06 8.78
CA SER A 15 0.63 -16.00 9.62
C SER A 15 1.19 -15.37 10.88
N THR A 16 1.19 -16.13 11.97
CA THR A 16 1.92 -15.72 13.15
C THR A 16 3.43 -15.87 12.97
N SER A 17 3.85 -16.68 12.00
CA SER A 17 5.24 -17.08 11.84
C SER A 17 5.74 -16.87 10.42
N PRO A 18 7.02 -16.58 10.27
CA PRO A 18 7.63 -16.59 8.94
C PRO A 18 7.78 -18.03 8.44
N GLY A 19 8.05 -18.16 7.15
CA GLY A 19 8.45 -19.43 6.59
C GLY A 19 7.31 -20.31 6.10
N THR A 20 6.14 -19.74 5.86
CA THR A 20 5.06 -20.50 5.26
C THR A 20 4.70 -19.90 3.92
N SER A 21 3.88 -20.60 3.15
CA SER A 21 3.65 -20.27 1.75
C SER A 21 2.20 -20.25 1.33
N THR A 22 1.26 -20.40 2.26
CA THR A 22 -0.16 -20.33 1.93
C THR A 22 -0.73 -19.07 2.52
N TYR A 23 -1.51 -18.34 1.73
CA TYR A 23 -2.22 -17.16 2.19
C TYR A 23 -3.64 -17.57 2.58
N TYR A 24 -4.03 -17.25 3.80
CA TYR A 24 -5.36 -17.56 4.32
C TYR A 24 -6.12 -16.26 4.55
N TYR A 25 -7.35 -16.20 4.08
CA TYR A 25 -8.13 -14.99 4.17
C TYR A 25 -9.61 -15.31 4.05
N ASP A 26 -10.42 -14.45 4.65
CA ASP A 26 -11.85 -14.55 4.49
C ASP A 26 -12.24 -14.28 3.04
N GLU A 27 -13.13 -15.11 2.51
CA GLU A 27 -13.49 -15.06 1.10
C GLU A 27 -14.15 -13.75 0.67
N SER A 28 -14.64 -12.96 1.62
CA SER A 28 -15.15 -11.63 1.28
C SER A 28 -14.12 -10.81 0.53
N ALA A 29 -12.85 -10.95 0.90
CA ALA A 29 -11.73 -10.50 0.07
C ALA A 29 -11.78 -9.01 -0.31
N GLY A 30 -12.30 -8.17 0.57
CA GLY A 30 -12.36 -6.75 0.26
C GLY A 30 -13.48 -6.36 -0.70
N GLN A 31 -14.41 -7.23 -1.00
CA GLN A 31 -15.51 -6.87 -1.87
C GLN A 31 -16.26 -5.67 -1.26
N GLY A 32 -16.63 -4.72 -2.09
CA GLY A 32 -17.38 -3.57 -1.64
C GLY A 32 -16.52 -2.43 -1.12
N SER A 33 -15.21 -2.65 -1.02
CA SER A 33 -14.27 -1.59 -0.70
C SER A 33 -13.64 -1.07 -1.98
N CYS A 34 -12.92 0.04 -1.83
CA CYS A 34 -12.20 0.66 -2.94
C CYS A 34 -10.82 1.06 -2.48
N VAL A 35 -9.83 0.85 -3.34
CA VAL A 35 -8.48 1.30 -3.06
C VAL A 35 -7.97 2.11 -4.22
N TYR A 36 -7.61 3.35 -3.93
CA TYR A 36 -6.94 4.21 -4.88
C TYR A 36 -5.44 3.97 -4.81
N VAL A 37 -4.81 3.76 -5.95
CA VAL A 37 -3.38 3.58 -6.04
C VAL A 37 -2.85 4.83 -6.75
N ILE A 38 -2.19 5.68 -5.97
CA ILE A 38 -1.76 7.00 -6.43
C ILE A 38 -0.29 6.83 -6.80
N ASP A 39 0.01 6.77 -8.09
CA ASP A 39 1.28 6.20 -8.53
C ASP A 39 1.50 6.49 -10.01
N THR A 40 2.18 5.60 -10.72
CA THR A 40 2.44 5.76 -12.15
C THR A 40 1.29 5.29 -13.03
N GLY A 41 0.16 4.92 -12.44
CA GLY A 41 -0.95 4.34 -13.16
C GLY A 41 -1.13 2.87 -12.84
N ILE A 42 -2.09 2.27 -13.53
CA ILE A 42 -2.38 0.84 -13.40
C ILE A 42 -2.71 0.33 -14.80
N GLU A 43 -2.08 -0.77 -15.20
CA GLU A 43 -2.45 -1.43 -16.43
C GLU A 43 -3.72 -2.25 -16.16
N ALA A 44 -4.86 -1.59 -16.29
CA ALA A 44 -6.13 -2.16 -15.92
C ALA A 44 -6.51 -3.39 -16.74
N SER A 45 -5.97 -3.49 -17.96
CA SER A 45 -6.25 -4.62 -18.82
C SER A 45 -5.54 -5.90 -18.39
N HIS A 46 -4.64 -5.82 -17.41
CA HIS A 46 -3.94 -7.00 -16.99
C HIS A 46 -4.94 -8.06 -16.53
N PRO A 47 -4.87 -9.29 -17.02
CA PRO A 47 -5.81 -10.33 -16.58
C PRO A 47 -5.92 -10.49 -15.08
N GLU A 48 -4.83 -10.22 -14.37
CA GLU A 48 -4.83 -10.32 -12.93
C GLU A 48 -5.82 -9.40 -12.21
N PHE A 49 -6.27 -8.33 -12.87
CA PHE A 49 -7.22 -7.42 -12.23
C PHE A 49 -8.67 -7.77 -12.52
N GLU A 50 -8.95 -8.62 -13.51
CA GLU A 50 -10.27 -9.19 -13.69
C GLU A 50 -11.35 -8.14 -13.89
N GLY A 51 -11.00 -7.01 -14.49
CA GLY A 51 -11.96 -5.94 -14.71
C GLY A 51 -12.25 -5.06 -13.50
N ARG A 52 -11.60 -5.34 -12.38
CA ARG A 52 -11.80 -4.59 -11.15
C ARG A 52 -10.93 -3.36 -11.00
N ALA A 53 -10.03 -3.12 -11.95
CA ALA A 53 -9.21 -1.92 -11.94
C ALA A 53 -9.64 -0.95 -13.04
N GLN A 54 -9.47 0.32 -12.76
CA GLN A 54 -9.68 1.34 -13.78
C GLN A 54 -8.86 2.57 -13.45
N MET A 55 -8.39 3.25 -14.48
CA MET A 55 -7.82 4.56 -14.32
C MET A 55 -8.92 5.59 -14.19
N VAL A 56 -8.76 6.50 -13.24
CA VAL A 56 -9.72 7.57 -13.04
C VAL A 56 -9.13 8.98 -13.20
N LYS A 57 -7.81 9.11 -13.18
CA LYS A 57 -7.20 10.43 -13.30
C LYS A 57 -5.75 10.29 -13.71
N THR A 58 -5.32 11.19 -14.58
CA THR A 58 -3.91 11.36 -14.88
C THR A 58 -3.61 12.85 -14.99
N TYR A 59 -2.34 13.19 -14.74
CA TYR A 59 -1.86 14.56 -14.91
C TYR A 59 -0.89 14.68 -16.08
N TYR A 60 -0.80 13.61 -16.87
CA TYR A 60 0.15 13.51 -17.97
C TYR A 60 -0.58 13.22 -19.26
N TYR A 61 0.17 13.12 -20.36
CA TYR A 61 -0.44 12.96 -21.67
C TYR A 61 -1.28 11.70 -21.79
N SER A 62 -0.98 10.70 -20.96
CA SER A 62 -1.72 9.45 -20.98
C SER A 62 -1.98 8.99 -19.56
N SER A 63 -2.99 8.14 -19.43
CA SER A 63 -3.27 7.44 -18.19
C SER A 63 -2.56 6.10 -18.11
N ARG A 64 -1.88 5.70 -19.19
CA ARG A 64 -1.17 4.44 -19.22
C ARG A 64 -0.01 4.42 -18.22
N ASP A 65 0.14 3.30 -17.53
CA ASP A 65 1.34 3.05 -16.75
C ASP A 65 2.46 2.61 -17.70
N GLY A 66 3.34 3.55 -18.03
CA GLY A 66 4.49 3.24 -18.85
C GLY A 66 5.72 2.85 -18.04
N ASN A 67 5.55 2.67 -16.73
CA ASN A 67 6.65 2.35 -15.86
C ASN A 67 6.57 0.92 -15.33
N GLY A 68 5.45 0.60 -14.68
CA GLY A 68 5.24 -0.69 -14.06
C GLY A 68 5.03 -0.57 -12.55
N HIS A 69 5.63 0.43 -11.92
CA HIS A 69 5.60 0.54 -10.47
C HIS A 69 4.16 0.56 -9.94
N GLY A 70 3.31 1.39 -10.53
CA GLY A 70 1.94 1.50 -10.07
C GLY A 70 1.16 0.23 -10.27
N THR A 71 1.40 -0.45 -11.38
CA THR A 71 0.78 -1.73 -11.67
C THR A 71 1.20 -2.78 -10.64
N HIS A 72 2.47 -2.76 -10.24
CA HIS A 72 2.97 -3.71 -9.25
C HIS A 72 2.28 -3.46 -7.90
N CYS A 73 2.25 -2.20 -7.49
CA CYS A 73 1.62 -1.85 -6.22
C CYS A 73 0.13 -2.21 -6.25
N ALA A 74 -0.57 -1.88 -7.34
CA ALA A 74 -1.97 -2.25 -7.46
C ALA A 74 -2.16 -3.76 -7.38
N GLY A 75 -1.24 -4.50 -7.96
CA GLY A 75 -1.32 -5.94 -7.89
C GLY A 75 -1.22 -6.47 -6.46
N THR A 76 -0.38 -5.86 -5.65
CA THR A 76 -0.26 -6.28 -4.27
C THR A 76 -1.51 -5.91 -3.48
N VAL A 77 -2.15 -4.79 -3.80
CA VAL A 77 -3.41 -4.48 -3.16
C VAL A 77 -4.47 -5.52 -3.50
N GLY A 78 -4.66 -5.79 -4.78
CA GLY A 78 -5.91 -6.38 -5.23
C GLY A 78 -5.89 -7.29 -6.44
N SER A 79 -4.75 -7.71 -6.95
CA SER A 79 -4.78 -8.71 -8.02
C SER A 79 -5.23 -10.06 -7.50
N ARG A 80 -5.74 -10.88 -8.41
CA ARG A 80 -6.25 -12.18 -8.02
C ARG A 80 -5.18 -13.09 -7.41
N THR A 81 -3.98 -13.11 -7.99
CA THR A 81 -2.92 -13.98 -7.49
C THR A 81 -2.05 -13.25 -6.48
N TYR A 82 -1.72 -12.00 -6.75
CA TYR A 82 -0.68 -11.32 -5.97
C TYR A 82 -1.22 -10.38 -4.93
N GLY A 83 -2.55 -10.26 -4.83
CA GLY A 83 -3.17 -9.27 -3.98
C GLY A 83 -3.68 -9.76 -2.64
N VAL A 84 -3.68 -8.81 -1.71
CA VAL A 84 -4.22 -9.02 -0.38
C VAL A 84 -5.76 -9.08 -0.39
N ALA A 85 -6.36 -8.14 -1.10
CA ALA A 85 -7.81 -7.94 -1.12
C ALA A 85 -8.31 -8.22 -2.54
N LYS A 86 -8.56 -9.50 -2.81
CA LYS A 86 -8.69 -10.01 -4.17
C LYS A 86 -9.99 -9.64 -4.86
N LYS A 87 -10.91 -9.00 -4.13
CA LYS A 87 -12.18 -8.57 -4.72
C LYS A 87 -12.43 -7.07 -4.55
N THR A 88 -11.42 -6.31 -4.14
CA THR A 88 -11.59 -4.88 -4.05
C THR A 88 -11.66 -4.23 -5.43
N GLN A 89 -12.20 -3.02 -5.47
CA GLN A 89 -12.17 -2.17 -6.65
C GLN A 89 -10.93 -1.29 -6.58
N LEU A 90 -10.16 -1.25 -7.67
CA LEU A 90 -8.92 -0.50 -7.74
C LEU A 90 -9.11 0.69 -8.66
N PHE A 91 -8.66 1.86 -8.19
CA PHE A 91 -8.75 3.09 -8.97
C PHE A 91 -7.35 3.67 -9.09
N GLY A 92 -6.91 3.91 -10.32
CA GLY A 92 -5.60 4.46 -10.55
C GLY A 92 -5.61 5.96 -10.72
N VAL A 93 -4.68 6.63 -10.04
CA VAL A 93 -4.49 8.06 -10.14
C VAL A 93 -3.02 8.27 -10.47
N LYS A 94 -2.75 8.70 -11.70
CA LYS A 94 -1.39 8.79 -12.21
C LYS A 94 -0.81 10.17 -11.90
N VAL A 95 -0.17 10.25 -10.74
CA VAL A 95 0.58 11.43 -10.32
C VAL A 95 2.06 11.33 -10.63
N LEU A 96 2.55 10.14 -10.95
CA LEU A 96 3.95 9.91 -11.30
C LEU A 96 4.06 9.64 -12.78
N ASP A 97 5.07 10.24 -13.39
CA ASP A 97 5.33 10.02 -14.80
C ASP A 97 5.92 8.64 -15.03
N ASP A 98 6.23 8.32 -16.28
CA ASP A 98 6.70 6.99 -16.62
C ASP A 98 8.13 6.71 -16.19
N ASN A 99 8.83 7.75 -15.74
CA ASN A 99 10.11 7.55 -15.07
C ASN A 99 9.97 7.38 -13.57
N GLY A 100 8.74 7.40 -13.05
CA GLY A 100 8.50 7.14 -11.65
C GLY A 100 8.54 8.37 -10.77
N SER A 101 8.63 9.55 -11.38
CA SER A 101 8.78 10.83 -10.67
C SER A 101 7.53 11.69 -10.78
N GLY A 102 7.30 12.57 -9.83
CA GLY A 102 6.25 13.56 -9.95
C GLY A 102 6.54 14.75 -9.08
N GLN A 103 6.10 15.92 -9.52
CA GLN A 103 6.21 17.12 -8.73
C GLN A 103 5.26 17.03 -7.54
N TYR A 104 5.68 17.59 -6.42
CA TYR A 104 4.81 17.61 -5.26
C TYR A 104 3.48 18.30 -5.55
N SER A 105 3.46 19.32 -6.39
CA SER A 105 2.19 19.98 -6.69
C SER A 105 1.20 19.00 -7.32
N THR A 106 1.69 18.14 -8.19
CA THR A 106 0.86 17.12 -8.83
C THR A 106 0.40 16.06 -7.85
N ILE A 107 1.31 15.62 -6.99
CA ILE A 107 1.00 14.63 -5.98
C ILE A 107 -0.09 15.17 -5.03
N ILE A 108 0.03 16.42 -4.61
CA ILE A 108 -0.98 17.05 -3.77
C ILE A 108 -2.33 17.08 -4.49
N ALA A 109 -2.33 17.52 -5.75
CA ALA A 109 -3.59 17.56 -6.50
C ALA A 109 -4.21 16.17 -6.57
N GLY A 110 -3.39 15.14 -6.74
CA GLY A 110 -3.91 13.78 -6.78
C GLY A 110 -4.54 13.34 -5.48
N MET A 111 -3.98 13.73 -4.35
CA MET A 111 -4.57 13.42 -3.06
C MET A 111 -5.90 14.12 -2.89
N ASP A 112 -5.95 15.41 -3.19
CA ASP A 112 -7.20 16.13 -3.09
C ASP A 112 -8.22 15.55 -4.08
N PHE A 113 -7.76 15.08 -5.24
CA PHE A 113 -8.64 14.44 -6.18
C PHE A 113 -9.32 13.23 -5.56
N VAL A 114 -8.55 12.37 -4.90
CA VAL A 114 -9.14 11.18 -4.31
C VAL A 114 -10.15 11.54 -3.23
N ALA A 115 -9.84 12.55 -2.41
CA ALA A 115 -10.75 12.93 -1.35
C ALA A 115 -12.13 13.31 -1.90
N SER A 116 -12.15 13.95 -3.06
CA SER A 116 -13.42 14.26 -3.72
C SER A 116 -13.99 13.10 -4.52
N ASP A 117 -13.13 12.45 -5.30
CA ASP A 117 -13.56 11.45 -6.26
C ASP A 117 -14.23 10.26 -5.59
N LYS A 118 -13.90 9.97 -4.35
CA LYS A 118 -14.53 8.85 -3.69
C LYS A 118 -16.05 9.05 -3.65
N ASN A 119 -16.51 10.30 -3.66
CA ASN A 119 -17.94 10.59 -3.67
C ASN A 119 -18.61 10.29 -5.00
N ASN A 120 -17.80 9.94 -6.01
CA ASN A 120 -18.27 9.50 -7.32
C ASN A 120 -18.25 8.00 -7.50
N ARG A 121 -17.83 7.27 -6.47
CA ARG A 121 -17.61 5.83 -6.55
C ARG A 121 -18.44 5.10 -5.53
N ASN A 122 -18.71 3.84 -5.81
CA ASN A 122 -19.48 3.00 -4.91
C ASN A 122 -18.56 2.12 -4.10
N CYS A 123 -18.43 2.48 -2.83
CA CYS A 123 -17.46 1.90 -1.91
C CYS A 123 -18.14 1.71 -0.57
N PRO A 124 -19.19 0.91 -0.51
CA PRO A 124 -19.99 0.83 0.73
C PRO A 124 -19.19 0.33 1.93
N LYS A 125 -18.13 -0.43 1.71
CA LYS A 125 -17.31 -0.91 2.81
C LYS A 125 -16.14 0.01 3.14
N GLY A 126 -15.96 1.07 2.38
CA GLY A 126 -14.96 2.07 2.69
C GLY A 126 -13.90 2.21 1.63
N VAL A 127 -13.05 3.22 1.86
CA VAL A 127 -12.11 3.72 0.87
C VAL A 127 -10.72 3.80 1.50
N VAL A 128 -9.74 3.34 0.71
CA VAL A 128 -8.34 3.33 1.08
C VAL A 128 -7.56 4.02 -0.03
N ALA A 129 -6.44 4.65 0.32
CA ALA A 129 -5.50 5.18 -0.66
C ALA A 129 -4.11 4.69 -0.31
N SER A 130 -3.41 4.21 -1.33
CA SER A 130 -2.08 3.67 -1.20
C SER A 130 -1.11 4.58 -1.95
N LEU A 131 -0.13 5.11 -1.21
CA LEU A 131 0.83 6.10 -1.72
C LEU A 131 2.24 5.55 -1.55
N SER A 132 2.67 4.83 -2.56
CA SER A 132 4.03 4.29 -2.62
C SER A 132 4.92 5.32 -3.31
N LEU A 133 5.15 6.42 -2.62
CA LEU A 133 5.86 7.55 -3.17
C LEU A 133 6.31 8.43 -2.03
N GLY A 134 7.15 9.39 -2.37
CA GLY A 134 7.56 10.40 -1.44
C GLY A 134 8.90 10.99 -1.77
N GLY A 135 9.21 12.06 -1.06
CA GLY A 135 10.47 12.75 -1.19
C GLY A 135 10.79 13.38 0.15
N GLY A 136 11.54 14.47 0.10
CA GLY A 136 11.91 15.18 1.32
C GLY A 136 10.74 15.83 2.02
N TYR A 137 10.96 16.23 3.27
CA TYR A 137 9.90 16.81 4.06
C TYR A 137 9.25 17.99 3.37
N SER A 138 7.92 17.98 3.36
CA SER A 138 7.13 19.08 2.85
C SER A 138 5.87 19.18 3.71
N SER A 139 5.66 20.32 4.35
CA SER A 139 4.45 20.49 5.12
C SER A 139 3.22 20.47 4.23
N SER A 140 3.34 20.95 2.99
CA SER A 140 2.19 20.93 2.08
C SER A 140 1.80 19.52 1.66
N VAL A 141 2.79 18.68 1.39
CA VAL A 141 2.50 17.29 1.07
C VAL A 141 1.87 16.59 2.27
N ASN A 142 2.43 16.81 3.45
CA ASN A 142 1.87 16.18 4.64
C ASN A 142 0.44 16.65 4.88
N SER A 143 0.19 17.94 4.69
CA SER A 143 -1.15 18.45 4.88
C SER A 143 -2.15 17.84 3.89
N ALA A 144 -1.73 17.63 2.66
CA ALA A 144 -2.59 16.98 1.68
C ALA A 144 -2.94 15.55 2.14
N ALA A 145 -1.95 14.84 2.67
CA ALA A 145 -2.18 13.48 3.13
C ALA A 145 -3.12 13.51 4.33
N ALA A 146 -2.93 14.48 5.21
CA ALA A 146 -3.79 14.64 6.36
C ALA A 146 -5.22 14.95 5.95
N ARG A 147 -5.41 15.79 4.94
CA ARG A 147 -6.76 16.07 4.47
C ARG A 147 -7.41 14.83 3.90
N LEU A 148 -6.65 14.07 3.11
CA LEU A 148 -7.20 12.88 2.51
C LEU A 148 -7.70 11.92 3.59
N GLN A 149 -6.88 11.73 4.62
CA GLN A 149 -7.24 10.88 5.73
C GLN A 149 -8.49 11.43 6.45
N SER A 150 -8.46 12.72 6.78
CA SER A 150 -9.56 13.37 7.46
C SER A 150 -10.88 13.23 6.70
N SER A 151 -10.81 13.19 5.38
CA SER A 151 -11.98 13.09 4.53
C SER A 151 -12.66 11.73 4.58
N GLY A 152 -12.07 10.76 5.25
CA GLY A 152 -12.65 9.44 5.40
C GLY A 152 -12.00 8.38 4.53
N VAL A 153 -10.73 8.55 4.22
CA VAL A 153 -9.97 7.58 3.45
C VAL A 153 -8.85 7.04 4.32
N MET A 154 -8.67 5.72 4.33
CA MET A 154 -7.55 5.13 5.03
C MET A 154 -6.31 5.35 4.16
N VAL A 155 -5.43 6.24 4.59
CA VAL A 155 -4.24 6.56 3.82
C VAL A 155 -3.05 5.77 4.33
N ALA A 156 -2.46 4.98 3.45
CA ALA A 156 -1.25 4.23 3.73
C ALA A 156 -0.14 4.79 2.86
N VAL A 157 1.00 5.13 3.47
CA VAL A 157 2.11 5.73 2.76
C VAL A 157 3.39 4.99 3.04
N ALA A 158 4.28 5.01 2.06
CA ALA A 158 5.58 4.38 2.22
C ALA A 158 6.45 5.17 3.18
N ALA A 159 7.19 4.47 4.02
CA ALA A 159 8.11 5.15 4.93
C ALA A 159 9.29 5.76 4.19
N GLY A 160 9.67 5.16 3.06
CA GLY A 160 10.84 5.57 2.31
C GLY A 160 11.97 4.57 2.42
N ASN A 161 12.88 4.65 1.46
CA ASN A 161 13.93 3.65 1.25
C ASN A 161 15.32 4.20 1.49
N ASN A 162 15.46 5.04 2.50
CA ASN A 162 16.69 5.76 2.79
C ASN A 162 17.48 5.18 3.96
N ASN A 163 17.01 4.08 4.55
CA ASN A 163 17.58 3.57 5.79
C ASN A 163 17.84 4.69 6.77
N ALA A 164 16.82 5.52 6.97
CA ALA A 164 16.93 6.72 7.76
C ALA A 164 15.61 6.97 8.51
N ASP A 165 15.62 7.96 9.38
CA ASP A 165 14.40 8.31 10.10
C ASP A 165 13.40 8.95 9.12
N ALA A 166 12.19 8.40 9.09
CA ALA A 166 11.14 8.85 8.20
C ALA A 166 10.62 10.25 8.54
N ARG A 167 11.02 10.83 9.67
CA ARG A 167 10.63 12.18 10.02
C ARG A 167 11.01 13.19 8.95
N ASN A 168 12.02 12.88 8.15
CA ASN A 168 12.52 13.83 7.16
C ASN A 168 12.01 13.60 5.75
N TYR A 169 10.93 12.85 5.63
CA TYR A 169 10.38 12.50 4.33
C TYR A 169 8.88 12.69 4.35
N SER A 170 8.31 12.96 3.19
CA SER A 170 6.88 13.19 3.07
C SER A 170 6.31 12.39 1.89
N PRO A 171 5.08 11.89 1.99
CA PRO A 171 4.17 12.04 3.14
C PRO A 171 4.43 11.13 4.34
N ALA A 172 5.53 10.37 4.34
CA ALA A 172 5.84 9.45 5.44
C ALA A 172 5.71 10.09 6.81
N SER A 173 6.17 11.34 6.93
CA SER A 173 6.23 11.99 8.24
C SER A 173 4.91 12.58 8.72
N GLU A 174 3.85 12.52 7.91
CA GLU A 174 2.56 13.02 8.37
C GLU A 174 2.03 12.09 9.45
N PRO A 175 1.85 12.56 10.69
CA PRO A 175 1.46 11.63 11.75
C PRO A 175 0.13 10.93 11.55
N SER A 176 -0.83 11.59 10.93
CA SER A 176 -2.20 11.10 10.95
C SER A 176 -2.49 10.00 9.93
N VAL A 177 -1.56 9.70 9.04
CA VAL A 177 -1.73 8.62 8.07
C VAL A 177 -1.02 7.37 8.60
N CYS A 178 -1.02 6.31 7.80
CA CYS A 178 -0.43 5.04 8.20
C CYS A 178 0.88 4.87 7.46
N THR A 179 1.99 5.07 8.18
CA THR A 179 3.30 5.04 7.60
C THR A 179 3.91 3.66 7.72
N VAL A 180 4.30 3.10 6.57
CA VAL A 180 4.59 1.68 6.44
C VAL A 180 6.05 1.43 6.12
N GLY A 181 6.74 0.72 7.01
CA GLY A 181 8.07 0.22 6.75
C GLY A 181 8.05 -1.15 6.10
N ALA A 182 9.23 -1.61 5.67
CA ALA A 182 9.34 -2.87 4.93
C ALA A 182 10.14 -3.91 5.70
N SER A 183 9.70 -5.17 5.57
CA SER A 183 10.42 -6.32 6.09
C SER A 183 10.70 -7.33 4.99
N ASP A 184 11.58 -8.28 5.31
CA ASP A 184 11.92 -9.36 4.41
C ASP A 184 11.37 -10.69 4.91
N ARG A 185 11.59 -11.73 4.11
CA ARG A 185 10.95 -13.00 4.35
C ARG A 185 11.48 -13.73 5.57
N TYR A 186 12.60 -13.25 6.12
CA TYR A 186 13.17 -13.76 7.35
C TYR A 186 12.87 -12.86 8.54
N ASP A 187 11.88 -11.98 8.38
CA ASP A 187 11.45 -11.08 9.44
C ASP A 187 12.54 -10.11 9.88
N ARG A 188 13.41 -9.75 8.95
CA ARG A 188 14.33 -8.64 9.17
C ARG A 188 13.73 -7.36 8.64
N ARG A 189 14.00 -6.24 9.29
CA ARG A 189 13.75 -4.97 8.65
C ARG A 189 14.49 -4.98 7.32
N SER A 190 13.81 -4.59 6.25
CA SER A 190 14.45 -4.52 4.96
C SER A 190 15.61 -3.53 5.06
N SER A 191 16.69 -3.83 4.37
CA SER A 191 17.93 -3.07 4.55
C SER A 191 17.78 -1.57 4.29
N PHE A 192 16.92 -1.24 3.35
CA PHE A 192 16.67 0.11 2.89
C PHE A 192 15.53 0.79 3.65
N SER A 193 14.79 0.06 4.48
CA SER A 193 13.58 0.67 5.04
C SER A 193 13.89 1.79 5.98
N ASN A 194 13.18 2.91 5.82
CA ASN A 194 13.19 3.92 6.85
C ASN A 194 12.54 3.38 8.12
N TYR A 195 12.77 4.11 9.20
CA TYR A 195 12.35 3.76 10.54
C TYR A 195 12.03 5.04 11.29
N GLY A 196 11.79 4.92 12.59
CA GLY A 196 11.53 6.06 13.43
C GLY A 196 10.17 6.01 14.09
N SER A 197 9.96 6.95 14.99
CA SER A 197 8.74 7.05 15.77
C SER A 197 7.47 7.19 14.93
N VAL A 198 7.58 7.75 13.73
CA VAL A 198 6.39 8.00 12.94
C VAL A 198 5.89 6.74 12.24
N LEU A 199 6.72 5.71 12.12
CA LEU A 199 6.21 4.48 11.54
C LEU A 199 5.08 3.93 12.38
N ASP A 200 4.03 3.46 11.70
CA ASP A 200 2.91 2.80 12.36
C ASP A 200 3.00 1.29 12.31
N ILE A 201 3.64 0.74 11.29
CA ILE A 201 3.52 -0.66 10.95
C ILE A 201 4.58 -1.02 9.93
N PHE A 202 4.94 -2.30 9.88
CA PHE A 202 5.74 -2.88 8.81
C PHE A 202 4.89 -3.84 7.99
N GLY A 203 5.24 -3.94 6.73
CA GLY A 203 4.70 -4.97 5.87
C GLY A 203 5.79 -5.55 4.98
N PRO A 204 5.49 -6.67 4.33
CA PRO A 204 6.47 -7.29 3.43
C PRO A 204 6.90 -6.35 2.31
N GLY A 205 8.21 -6.18 2.17
CA GLY A 205 8.71 -5.27 1.15
C GLY A 205 9.93 -5.72 0.37
N THR A 206 10.60 -6.79 0.77
CA THR A 206 11.75 -7.30 0.03
C THR A 206 11.34 -8.49 -0.81
N ASP A 207 11.63 -8.42 -2.11
CA ASP A 207 11.39 -9.50 -3.06
C ASP A 207 9.91 -9.86 -3.13
N ILE A 208 9.12 -8.89 -3.55
CA ILE A 208 7.67 -9.01 -3.65
C ILE A 208 7.24 -9.21 -5.10
N LEU A 209 6.66 -10.38 -5.38
CA LEU A 209 6.14 -10.71 -6.69
C LEU A 209 4.76 -10.09 -6.86
N SER A 210 4.57 -9.42 -7.99
CA SER A 210 3.29 -8.83 -8.34
C SER A 210 3.23 -8.60 -9.84
N THR A 211 2.12 -8.02 -10.26
CA THR A 211 1.90 -7.64 -11.64
C THR A 211 2.88 -6.60 -12.14
N TRP A 212 3.07 -6.62 -13.45
CA TRP A 212 3.86 -5.62 -14.15
C TRP A 212 3.19 -5.35 -15.49
N ILE A 213 3.62 -4.26 -16.13
CA ILE A 213 3.09 -3.88 -17.42
C ILE A 213 3.45 -4.88 -18.50
N GLY A 214 2.70 -4.80 -19.59
CA GLY A 214 2.76 -5.80 -20.63
C GLY A 214 2.20 -7.13 -20.21
N GLY A 215 1.26 -7.13 -19.26
CA GLY A 215 0.60 -8.34 -18.84
C GLY A 215 1.55 -9.32 -18.17
N SER A 216 2.56 -8.81 -17.48
CA SER A 216 3.63 -9.64 -16.96
C SER A 216 3.64 -9.61 -15.44
N THR A 217 4.70 -10.17 -14.85
CA THR A 217 4.92 -10.14 -13.41
C THR A 217 6.40 -9.97 -13.16
N ARG A 218 6.73 -9.45 -11.99
CA ARG A 218 8.11 -9.45 -11.53
C ARG A 218 8.15 -9.22 -10.04
N SER A 219 9.32 -9.50 -9.48
CA SER A 219 9.62 -9.28 -8.09
C SER A 219 10.53 -8.07 -7.94
N ILE A 220 10.09 -7.12 -7.11
CA ILE A 220 10.88 -5.95 -6.77
C ILE A 220 10.77 -5.68 -5.28
N SER A 221 11.57 -4.74 -4.80
CA SER A 221 11.68 -4.46 -3.38
C SER A 221 11.53 -2.99 -3.08
N GLY A 222 10.97 -2.68 -1.93
CA GLY A 222 10.86 -1.31 -1.49
C GLY A 222 9.79 -1.15 -0.44
N THR A 223 9.83 -0.03 0.28
CA THR A 223 8.67 0.35 1.08
C THR A 223 7.46 0.60 0.20
N SER A 224 7.66 0.86 -1.09
CA SER A 224 6.56 0.90 -2.05
C SER A 224 5.80 -0.40 -2.13
N MET A 225 6.45 -1.53 -1.84
CA MET A 225 5.83 -2.84 -1.92
C MET A 225 5.14 -3.19 -0.59
N ALA A 226 5.66 -2.67 0.52
CA ALA A 226 5.06 -2.89 1.82
C ALA A 226 3.73 -2.16 1.95
N THR A 227 3.71 -0.93 1.47
CA THR A 227 2.55 -0.05 1.59
C THR A 227 1.28 -0.68 1.06
N PRO A 228 1.25 -1.23 -0.16
CA PRO A 228 0.02 -1.84 -0.66
C PRO A 228 -0.40 -3.10 0.09
N HIS A 229 0.51 -3.79 0.76
CA HIS A 229 0.08 -4.87 1.64
C HIS A 229 -0.83 -4.32 2.72
N VAL A 230 -0.43 -3.21 3.31
CA VAL A 230 -1.20 -2.57 4.37
C VAL A 230 -2.48 -1.97 3.82
N ALA A 231 -2.42 -1.33 2.66
CA ALA A 231 -3.64 -0.77 2.07
C ALA A 231 -4.64 -1.88 1.77
N GLY A 232 -4.18 -2.97 1.17
CA GLY A 232 -5.06 -4.09 0.90
C GLY A 232 -5.60 -4.71 2.16
N LEU A 233 -4.77 -4.80 3.20
CA LEU A 233 -5.21 -5.35 4.47
C LEU A 233 -6.32 -4.47 5.05
N ALA A 234 -6.14 -3.16 5.00
CA ALA A 234 -7.16 -2.25 5.49
C ALA A 234 -8.48 -2.47 4.75
N ALA A 235 -8.43 -2.56 3.42
CA ALA A 235 -9.65 -2.76 2.65
C ALA A 235 -10.35 -4.05 3.05
N TYR A 236 -9.56 -5.10 3.19
CA TYR A 236 -10.05 -6.41 3.63
C TYR A 236 -10.73 -6.33 4.99
N LEU A 237 -10.10 -5.65 5.94
CA LEU A 237 -10.64 -5.56 7.30
C LEU A 237 -11.88 -4.67 7.36
N MET A 238 -11.91 -3.64 6.53
CA MET A 238 -13.07 -2.76 6.41
C MET A 238 -14.26 -3.51 5.82
N THR A 239 -14.03 -4.33 4.80
CA THR A 239 -15.11 -5.16 4.28
C THR A 239 -15.67 -6.10 5.34
N LEU A 240 -14.80 -6.65 6.18
CA LEU A 240 -15.25 -7.50 7.28
C LEU A 240 -15.97 -6.74 8.39
N GLY A 241 -15.91 -5.42 8.38
CA GLY A 241 -16.54 -4.61 9.41
C GLY A 241 -15.73 -4.52 10.68
N LYS A 242 -14.47 -4.94 10.64
CA LYS A 242 -13.67 -4.95 11.85
C LYS A 242 -13.15 -3.57 12.23
N THR A 243 -13.07 -2.67 11.26
CA THR A 243 -12.55 -1.34 11.49
C THR A 243 -13.09 -0.40 10.41
N THR A 244 -12.67 0.84 10.49
CA THR A 244 -13.13 1.90 9.60
C THR A 244 -11.92 2.62 9.03
N ALA A 245 -12.13 3.51 8.07
CA ALA A 245 -11.02 4.25 7.49
C ALA A 245 -10.27 5.07 8.54
N ALA A 246 -11.01 5.66 9.49
CA ALA A 246 -10.41 6.50 10.51
C ALA A 246 -9.57 5.72 11.49
N SER A 247 -9.94 4.45 11.71
CA SER A 247 -9.36 3.67 12.78
C SER A 247 -8.51 2.50 12.31
N ALA A 248 -8.41 2.28 10.99
CA ALA A 248 -7.80 1.05 10.48
C ALA A 248 -6.31 0.96 10.77
N CYS A 249 -5.58 2.06 10.68
CA CYS A 249 -4.15 1.99 10.97
C CYS A 249 -3.92 1.55 12.41
N ARG A 250 -4.66 2.16 13.33
CA ARG A 250 -4.57 1.80 14.73
C ARG A 250 -4.97 0.35 14.96
N TYR A 251 -6.02 -0.08 14.28
CA TYR A 251 -6.47 -1.45 14.39
C TYR A 251 -5.42 -2.44 13.90
N ILE A 252 -4.80 -2.12 12.77
CA ILE A 252 -3.75 -2.95 12.23
C ILE A 252 -2.57 -3.00 13.20
N ALA A 253 -2.20 -1.87 13.78
CA ALA A 253 -1.13 -1.89 14.79
C ALA A 253 -1.53 -2.70 16.02
N ASP A 254 -2.78 -2.56 16.47
CA ASP A 254 -3.27 -3.29 17.64
C ASP A 254 -3.18 -4.79 17.44
N THR A 255 -3.46 -5.24 16.22
CA THR A 255 -3.61 -6.66 15.93
C THR A 255 -2.41 -7.25 15.21
N ALA A 256 -1.35 -6.46 15.08
CA ALA A 256 -0.15 -6.87 14.39
C ALA A 256 0.57 -8.00 15.14
N ASN A 257 1.41 -8.72 14.41
CA ASN A 257 2.42 -9.54 15.06
C ASN A 257 3.44 -8.63 15.72
N LYS A 258 3.66 -8.85 17.02
CA LYS A 258 4.49 -7.97 17.84
C LYS A 258 5.82 -8.63 18.15
N GLY A 259 6.91 -7.89 17.98
CA GLY A 259 8.22 -8.38 18.37
C GLY A 259 8.87 -9.41 17.47
N ASP A 260 8.32 -9.62 16.27
CA ASP A 260 8.84 -10.65 15.35
C ASP A 260 10.01 -10.18 14.52
N LEU A 261 10.18 -8.86 14.36
CA LEU A 261 11.17 -8.35 13.43
C LEU A 261 12.52 -8.11 14.08
N SER A 262 13.58 -8.27 13.30
CA SER A 262 14.92 -7.96 13.73
C SER A 262 15.44 -6.69 13.08
N ASN A 263 16.47 -6.13 13.69
CA ASN A 263 17.07 -4.87 13.29
C ASN A 263 16.09 -3.72 13.25
N ILE A 264 15.18 -3.71 14.21
CA ILE A 264 14.29 -2.57 14.42
C ILE A 264 14.99 -1.65 15.41
N PRO A 265 15.34 -0.44 15.01
CA PRO A 265 16.04 0.47 15.92
C PRO A 265 15.16 0.79 17.11
N PHE A 266 15.81 0.95 18.24
CA PHE A 266 15.16 1.38 19.44
C PHE A 266 14.27 2.60 19.16
N GLY A 267 13.00 2.55 19.55
CA GLY A 267 12.07 3.67 19.34
C GLY A 267 11.17 3.54 18.11
N THR A 268 11.39 2.52 17.31
CA THR A 268 10.54 2.20 16.16
C THR A 268 9.66 1.03 16.54
N VAL A 269 8.40 1.05 16.15
CA VAL A 269 7.52 -0.07 16.44
C VAL A 269 8.03 -1.37 15.83
N ASN A 270 7.84 -2.44 16.59
CA ASN A 270 8.14 -3.78 16.11
C ASN A 270 6.79 -4.48 15.89
N LEU A 271 6.14 -4.09 14.81
CA LEU A 271 4.77 -4.50 14.50
C LEU A 271 4.71 -4.85 13.03
N LEU A 272 4.22 -6.05 12.73
CA LEU A 272 4.15 -6.58 11.37
C LEU A 272 2.69 -6.86 11.05
N ALA A 273 2.21 -6.29 9.95
CA ALA A 273 0.81 -6.37 9.56
C ALA A 273 0.37 -7.83 9.50
N TYR A 274 -0.82 -8.07 10.06
CA TYR A 274 -1.33 -9.42 10.24
C TYR A 274 -2.85 -9.39 10.20
N ASN A 275 -3.45 -10.27 9.41
CA ASN A 275 -4.90 -10.26 9.25
C ASN A 275 -5.67 -10.99 10.33
N ASN A 276 -4.98 -11.71 11.22
CA ASN A 276 -5.63 -12.47 12.28
C ASN A 276 -6.79 -13.32 11.78
N TYR A 277 -6.65 -13.86 10.58
CA TYR A 277 -7.69 -14.70 10.03
C TYR A 277 -7.55 -16.09 10.62
N GLN A 278 -8.64 -16.54 11.23
CA GLN A 278 -8.74 -17.90 11.74
C GLN A 278 -9.84 -18.62 10.95
N ALA A 279 -9.47 -19.63 10.18
CA ALA A 279 -10.45 -20.49 9.53
C ALA A 279 -11.24 -21.26 10.58
N PRO B 1 9.46 16.15 -4.30
CA PRO B 1 9.94 15.67 -5.61
C PRO B 1 10.02 14.14 -5.72
N ALA B 2 8.96 13.54 -6.26
CA ALA B 2 8.99 12.17 -6.78
C ALA B 2 8.69 11.11 -5.72
N PRO B 3 8.70 9.83 -6.11
CA PRO B 3 8.58 8.71 -5.20
C PRO B 3 9.92 8.01 -4.99
N PHE B 4 9.89 6.69 -4.90
CA PHE B 4 11.09 5.88 -4.69
C PHE B 4 11.33 5.03 -5.93
N ALA B 5 11.63 5.74 -7.02
CA ALA B 5 11.92 5.15 -8.34
C ALA B 5 10.98 4.31 -9.22
N ALA B 6 11.46 3.93 -10.40
CA ALA B 6 10.74 3.02 -11.30
C ALA B 6 10.60 1.63 -10.68
N ALA B 7 11.59 1.24 -9.89
CA ALA B 7 11.62 -0.06 -9.21
C ALA B 7 11.48 -1.22 -10.19
CA CA C . 0.57 7.49 11.83
CA CA D . 7.74 -18.34 14.76
N NO3 E . 10.49 1.36 -4.26
O1 NO3 E . 9.60 1.36 -5.33
O2 NO3 E . 11.83 1.20 -4.55
O3 NO3 E . 10.04 1.52 -2.96
N NO3 F . 4.59 10.18 -18.50
O1 NO3 F . 5.98 10.02 -18.53
O2 NO3 F . 3.96 11.02 -19.40
O3 NO3 F . 3.82 9.50 -17.58
N NO3 G . -7.87 8.73 -16.62
O1 NO3 G . -7.94 9.58 -17.73
O2 NO3 G . -9.01 8.08 -16.17
O3 NO3 G . -6.66 8.54 -15.97
#